data_7O48
#
_entry.id   7O48
#
_cell.length_a   103.530
_cell.length_b   103.530
_cell.length_c   133.110
_cell.angle_alpha   90.000
_cell.angle_beta   90.000
_cell.angle_gamma   120.000
#
_symmetry.space_group_name_H-M   'P 32 2 1'
#
loop_
_entity.id
_entity.type
_entity.pdbx_description
1 polymer 'Carbonic anhydrase'
2 branched 2-acetamido-2-deoxy-beta-D-glucopyranose-(1-4)-2-acetamido-2-deoxy-beta-D-glucopyranose
3 non-polymer 2-acetamido-2-deoxy-beta-D-glucopyranose
4 non-polymer 'ZINC ION'
5 non-polymer GLYCEROL
6 non-polymer 1-(4-iodophenyl)-3-[2-(4-sulfamoylphenyl)ethyl]thiourea
7 water water
#
_entity_poly.entity_id   1
_entity_poly.type   'polypeptide(L)'
_entity_poly.pdbx_seq_one_letter_code
;DAAQPARRANGSEWSYTNILTGPETWHEHYKNMCSGYYQSPIDLKTDISTLDLKLKTVIIYRNTSSTETTTIQNNGHSAE
VKFPRNTWFISFDGILDYKYEIIQMHFHWGNTDDRGSEHTIDGFRFPLEGHIVSFRRQMYSSPSEAIGRPGGLAVLGIMH
QIVESIKYEQTAFKAYNNFSGVLNSQFVPPNNSTIDDINLALLLSLLNPSRYFRYLGSLTTPPCTENVLWTVFIDPVLIT
REQINLFRNLPYGSNEKQTRMGDNFRPIQLLNPIDTLASRTLYRATARGGPEQKLISEEDLNSAVDHHHHHH
;
_entity_poly.pdbx_strand_id   A,B
#
loop_
_chem_comp.id
_chem_comp.type
_chem_comp.name
_chem_comp.formula
GOL non-polymer GLYCEROL 'C3 H8 O3'
NAG D-saccharide, beta linking 2-acetamido-2-deoxy-beta-D-glucopyranose 'C8 H15 N O6'
TKE non-polymer 1-(4-iodophenyl)-3-[2-(4-sulfamoylphenyl)ethyl]thiourea 'C15 H16 I N3 O2 S2'
ZN non-polymer 'ZINC ION' 'Zn 2'
#
# COMPACT_ATOMS: atom_id res chain seq x y z
N GLU A 13 25.86 29.42 -3.65
CA GLU A 13 25.80 28.40 -2.55
C GLU A 13 24.41 28.35 -1.91
N TRP A 14 23.94 27.14 -1.59
CA TRP A 14 22.68 27.03 -0.88
C TRP A 14 22.77 25.95 0.18
N SER A 15 21.80 25.96 1.10
CA SER A 15 21.72 24.93 2.12
C SER A 15 20.27 24.77 2.56
N TYR A 16 20.06 23.84 3.49
CA TYR A 16 18.78 23.79 4.17
C TYR A 16 18.85 24.49 5.54
N THR A 17 19.97 24.36 6.27
CA THR A 17 19.97 24.70 7.70
C THR A 17 20.74 25.99 8.02
N ASN A 18 21.54 26.50 7.08
CA ASN A 18 22.25 27.76 7.30
C ASN A 18 21.35 28.92 6.88
N ILE A 19 20.95 29.77 7.84
CA ILE A 19 19.90 30.78 7.61
C ILE A 19 20.33 31.78 6.53
N LEU A 20 21.64 31.90 6.30
CA LEU A 20 22.22 32.80 5.32
C LEU A 20 22.02 32.29 3.90
N THR A 21 22.00 30.96 3.72
CA THR A 21 21.86 30.42 2.37
C THR A 21 20.65 29.48 2.25
N GLY A 22 19.76 29.50 3.23
CA GLY A 22 18.74 28.46 3.37
C GLY A 22 17.49 28.79 2.57
N PRO A 23 16.43 27.96 2.62
CA PRO A 23 15.35 28.04 1.65
C PRO A 23 14.64 29.40 1.55
N GLU A 24 14.62 30.17 2.66
CA GLU A 24 13.98 31.48 2.68
C GLU A 24 14.70 32.46 1.74
N THR A 25 15.92 32.12 1.33
CA THR A 25 16.71 33.06 0.57
C THR A 25 16.82 32.64 -0.89
N TRP A 26 16.35 31.42 -1.25
CA TRP A 26 16.45 30.94 -2.62
C TRP A 26 15.82 31.87 -3.66
N HIS A 27 14.67 32.51 -3.32
CA HIS A 27 13.95 33.35 -4.27
C HIS A 27 14.79 34.56 -4.70
N GLU A 28 15.72 34.96 -3.83
CA GLU A 28 16.63 36.06 -4.09
C GLU A 28 17.93 35.57 -4.73
N HIS A 29 18.49 34.46 -4.24
CA HIS A 29 19.78 34.02 -4.78
C HIS A 29 19.65 33.31 -6.13
N TYR A 30 18.47 32.74 -6.44
CA TYR A 30 18.26 32.01 -7.69
C TYR A 30 16.88 32.40 -8.20
N LYS A 31 16.75 33.66 -8.63
CA LYS A 31 15.41 34.15 -8.97
C LYS A 31 14.85 33.36 -10.17
N ASN A 32 15.74 32.96 -11.10
CA ASN A 32 15.39 31.96 -12.11
C ASN A 32 15.76 30.59 -11.56
N MET A 33 14.77 29.83 -11.05
CA MET A 33 13.34 30.09 -11.08
C MET A 33 12.73 30.00 -9.68
N CYS A 34 13.56 30.10 -8.61
CA CYS A 34 13.05 29.93 -7.27
C CYS A 34 12.10 31.06 -6.85
N SER A 35 11.97 32.12 -7.68
CA SER A 35 11.03 33.21 -7.43
C SER A 35 9.74 32.99 -8.24
N GLY A 36 9.59 31.83 -8.88
CA GLY A 36 8.41 31.62 -9.73
C GLY A 36 7.10 31.33 -8.99
N TYR A 37 6.02 31.14 -9.75
CA TYR A 37 4.74 30.86 -9.11
C TYR A 37 4.25 29.44 -9.45
N TYR A 38 5.13 28.58 -10.00
CA TYR A 38 4.78 27.17 -10.17
C TYR A 38 5.79 26.31 -9.43
N GLN A 39 5.97 26.59 -8.12
CA GLN A 39 7.02 25.97 -7.33
C GLN A 39 6.49 24.72 -6.60
N SER A 40 7.41 23.87 -6.16
CA SER A 40 7.12 22.64 -5.46
C SER A 40 8.06 22.60 -4.26
N PRO A 41 7.78 21.86 -3.16
CA PRO A 41 6.54 21.07 -3.00
C PRO A 41 5.31 21.92 -2.64
N ILE A 42 4.14 21.29 -2.68
CA ILE A 42 2.90 21.91 -2.25
C ILE A 42 2.22 20.98 -1.25
N ASP A 43 1.18 21.52 -0.57
CA ASP A 43 0.27 20.68 0.16
C ASP A 43 -0.69 20.03 -0.83
N LEU A 44 -0.78 18.67 -0.78
CA LEU A 44 -1.62 17.94 -1.70
C LEU A 44 -2.97 17.77 -1.02
N LYS A 45 -3.98 18.52 -1.51
CA LYS A 45 -5.23 18.68 -0.77
C LYS A 45 -6.26 17.80 -1.44
N THR A 46 -6.69 16.72 -0.77
CA THR A 46 -7.62 15.76 -1.35
C THR A 46 -8.93 16.45 -1.81
N ASP A 47 -9.49 17.28 -0.95
CA ASP A 47 -10.78 17.91 -1.25
C ASP A 47 -10.65 18.98 -2.36
N ILE A 48 -9.55 19.76 -2.39
CA ILE A 48 -9.36 20.85 -3.35
C ILE A 48 -8.48 20.32 -4.49
N SER A 49 -8.86 19.22 -5.11
CA SER A 49 -8.11 18.70 -6.25
C SER A 49 -9.16 18.16 -7.19
N THR A 50 -8.84 18.06 -8.49
CA THR A 50 -9.80 17.61 -9.47
C THR A 50 -9.47 16.18 -9.83
N LEU A 51 -10.45 15.27 -9.64
CA LEU A 51 -10.27 13.88 -10.07
C LEU A 51 -10.28 13.83 -11.58
N ASP A 52 -9.24 13.23 -12.18
CA ASP A 52 -9.17 13.14 -13.63
C ASP A 52 -9.06 11.67 -14.00
N LEU A 53 -10.19 11.09 -14.46
CA LEU A 53 -10.26 9.63 -14.67
C LEU A 53 -9.37 9.21 -15.83
N LYS A 54 -8.97 10.14 -16.70
CA LYS A 54 -8.12 9.76 -17.81
C LYS A 54 -6.67 9.46 -17.37
N LEU A 55 -6.26 9.78 -16.13
CA LEU A 55 -4.87 9.56 -15.78
C LEU A 55 -4.66 8.09 -15.40
N LYS A 56 -3.74 7.41 -16.08
CA LYS A 56 -3.65 5.93 -16.02
C LYS A 56 -2.67 5.47 -14.93
N THR A 57 -2.62 4.14 -14.72
CA THR A 57 -1.69 3.56 -13.75
C THR A 57 -0.26 3.84 -14.21
N VAL A 58 0.63 4.12 -13.26
CA VAL A 58 2.04 4.31 -13.63
C VAL A 58 2.74 2.96 -13.67
N ILE A 59 3.63 2.75 -14.63
CA ILE A 59 4.42 1.53 -14.76
C ILE A 59 5.89 1.93 -14.72
N ILE A 60 6.72 1.20 -13.95
CA ILE A 60 8.17 1.37 -14.06
C ILE A 60 8.70 0.07 -14.59
N TYR A 61 9.64 0.14 -15.53
CA TYR A 61 10.07 -1.06 -16.22
C TYR A 61 11.54 -0.91 -16.59
N ARG A 62 12.20 -2.06 -16.74
CA ARG A 62 13.65 -2.12 -16.93
C ARG A 62 13.96 -2.66 -18.32
N ASN A 63 15.07 -2.18 -18.86
CA ASN A 63 15.70 -2.76 -20.03
C ASN A 63 16.59 -3.88 -19.51
N THR A 64 16.11 -5.13 -19.73
CA THR A 64 16.76 -6.32 -19.20
C THR A 64 18.11 -6.55 -19.87
N SER A 65 18.43 -5.85 -20.96
CA SER A 65 19.77 -6.10 -21.47
C SER A 65 20.82 -5.11 -20.95
N SER A 66 20.41 -4.15 -20.09
CA SER A 66 21.40 -3.25 -19.53
C SER A 66 22.20 -3.99 -18.47
N THR A 67 23.52 -3.73 -18.40
CA THR A 67 24.29 -4.36 -17.34
C THR A 67 25.14 -3.34 -16.58
N GLU A 68 24.99 -2.04 -16.85
CA GLU A 68 25.87 -1.08 -16.21
C GLU A 68 25.53 -0.91 -14.72
N THR A 69 26.50 -0.37 -13.99
CA THR A 69 26.46 -0.38 -12.53
C THR A 69 25.60 0.81 -12.03
N THR A 70 25.02 0.69 -10.82
CA THR A 70 24.33 1.82 -10.19
C THR A 70 25.26 2.36 -9.10
N THR A 71 25.23 3.67 -8.82
CA THR A 71 26.01 4.23 -7.71
C THR A 71 25.12 5.11 -6.86
N ILE A 72 25.65 5.47 -5.68
CA ILE A 72 24.96 6.36 -4.76
C ILE A 72 25.99 7.37 -4.28
N GLN A 73 25.55 8.61 -4.05
CA GLN A 73 26.49 9.60 -3.57
C GLN A 73 25.90 10.32 -2.37
N ASN A 74 26.76 10.70 -1.40
CA ASN A 74 26.41 11.76 -0.47
C ASN A 74 26.85 13.10 -1.08
N ASN A 75 25.86 13.90 -1.55
CA ASN A 75 26.17 15.11 -2.31
C ASN A 75 26.16 16.29 -1.36
N GLY A 76 26.00 16.03 -0.06
CA GLY A 76 26.11 17.12 0.89
C GLY A 76 24.75 17.65 1.32
N HIS A 77 23.70 17.35 0.52
CA HIS A 77 22.34 17.77 0.80
CA HIS A 77 22.37 17.74 0.95
C HIS A 77 21.39 16.57 0.84
N SER A 78 21.76 15.49 0.12
CA SER A 78 20.90 14.32 0.15
C SER A 78 21.72 13.10 -0.18
N ALA A 79 21.10 11.91 -0.08
CA ALA A 79 21.68 10.72 -0.66
C ALA A 79 21.04 10.51 -2.03
N GLU A 80 21.87 10.45 -3.08
CA GLU A 80 21.33 10.41 -4.43
C GLU A 80 21.87 9.20 -5.17
N VAL A 81 20.95 8.28 -5.52
CA VAL A 81 21.21 7.18 -6.42
C VAL A 81 21.29 7.74 -7.85
N LYS A 82 22.34 7.35 -8.56
CA LYS A 82 22.48 7.68 -9.97
C LYS A 82 22.42 6.38 -10.75
N PHE A 83 21.40 6.28 -11.61
CA PHE A 83 21.17 5.10 -12.40
C PHE A 83 21.94 5.24 -13.70
N PRO A 84 22.36 4.12 -14.31
CA PRO A 84 22.97 4.20 -15.64
C PRO A 84 21.94 4.55 -16.72
N ARG A 85 22.40 5.13 -17.83
CA ARG A 85 21.54 5.47 -18.96
C ARG A 85 20.86 4.22 -19.51
N ASN A 86 19.68 4.39 -20.10
CA ASN A 86 18.99 3.39 -20.91
C ASN A 86 18.61 2.16 -20.10
N THR A 87 18.29 2.33 -18.82
CA THR A 87 18.10 1.18 -17.96
C THR A 87 16.70 1.10 -17.35
N TRP A 88 16.27 2.17 -16.68
CA TRP A 88 14.98 2.18 -16.01
C TRP A 88 14.10 3.28 -16.65
N PHE A 89 12.80 2.98 -16.84
CA PHE A 89 11.87 3.83 -17.57
C PHE A 89 10.55 3.96 -16.80
N ILE A 90 9.79 4.99 -17.15
CA ILE A 90 8.43 5.16 -16.68
C ILE A 90 7.55 5.23 -17.91
N SER A 91 6.39 4.57 -17.79
CA SER A 91 5.30 4.73 -18.75
C SER A 91 4.07 5.24 -18.02
N PHE A 92 3.47 6.30 -18.57
CA PHE A 92 2.22 6.82 -18.03
C PHE A 92 1.05 6.42 -18.94
N ASP A 93 1.32 5.70 -20.03
CA ASP A 93 0.25 5.51 -21.00
C ASP A 93 0.06 4.02 -21.30
N GLY A 94 0.75 3.15 -20.58
CA GLY A 94 0.59 1.73 -20.77
C GLY A 94 1.49 1.17 -21.87
N ILE A 95 2.13 1.99 -22.70
CA ILE A 95 3.04 1.50 -23.72
C ILE A 95 4.47 1.56 -23.19
N LEU A 96 5.26 0.51 -23.50
CA LEU A 96 6.62 0.40 -22.98
C LEU A 96 7.63 0.82 -24.06
N ASP A 97 7.53 2.09 -24.51
CA ASP A 97 8.27 2.60 -25.64
C ASP A 97 9.24 3.69 -25.23
N TYR A 98 9.66 3.72 -23.94
CA TYR A 98 10.80 4.52 -23.49
C TYR A 98 10.53 6.03 -23.61
N LYS A 99 9.32 6.49 -23.26
CA LYS A 99 9.06 7.92 -23.34
C LYS A 99 9.76 8.72 -22.21
N TYR A 100 9.84 8.11 -21.02
CA TYR A 100 10.48 8.72 -19.86
C TYR A 100 11.59 7.78 -19.39
N GLU A 101 12.82 8.30 -19.28
CA GLU A 101 13.95 7.51 -18.79
C GLU A 101 14.45 8.03 -17.44
N ILE A 102 14.55 7.13 -16.46
CA ILE A 102 14.89 7.49 -15.08
C ILE A 102 16.39 7.79 -14.99
N ILE A 103 16.78 8.86 -14.26
CA ILE A 103 18.15 9.33 -14.15
C ILE A 103 18.67 9.05 -12.73
N GLN A 104 17.90 9.41 -11.71
CA GLN A 104 18.41 9.32 -10.36
CA GLN A 104 18.41 9.29 -10.36
C GLN A 104 17.25 9.23 -9.37
N MET A 105 17.58 8.89 -8.12
CA MET A 105 16.57 8.89 -7.06
C MET A 105 17.18 9.52 -5.80
N HIS A 106 16.52 10.53 -5.22
CA HIS A 106 17.13 10.99 -3.99
CA HIS A 106 16.95 11.41 -4.13
C HIS A 106 16.05 11.11 -2.94
N PHE A 107 16.50 11.43 -1.73
CA PHE A 107 15.67 11.29 -0.55
C PHE A 107 15.74 12.55 0.32
N HIS A 108 14.63 12.82 1.03
CA HIS A 108 14.46 13.92 1.95
C HIS A 108 13.82 13.34 3.21
N TRP A 109 14.35 13.73 4.39
CA TRP A 109 13.90 13.11 5.63
C TRP A 109 14.03 14.12 6.78
N GLY A 110 13.57 13.73 7.98
CA GLY A 110 13.56 14.68 9.08
C GLY A 110 14.51 14.26 10.21
N ASN A 111 14.74 15.17 11.17
CA ASN A 111 15.54 14.87 12.35
C ASN A 111 14.75 13.93 13.26
N THR A 112 13.41 14.00 13.12
CA THR A 112 12.44 13.27 13.93
C THR A 112 11.42 12.59 13.03
N ASP A 113 10.72 11.58 13.58
CA ASP A 113 9.89 10.71 12.79
C ASP A 113 8.64 11.43 12.29
N ASP A 114 8.29 12.56 12.90
CA ASP A 114 7.03 13.18 12.48
C ASP A 114 7.21 14.25 11.37
N ARG A 115 8.40 14.38 10.80
CA ARG A 115 8.52 15.24 9.62
C ARG A 115 9.61 14.67 8.70
N GLY A 116 9.76 15.29 7.51
CA GLY A 116 10.84 14.90 6.61
C GLY A 116 10.41 15.00 5.13
N SER A 117 9.16 14.64 4.78
CA SER A 117 8.68 14.77 3.40
C SER A 117 8.64 16.24 2.95
N GLU A 118 8.76 16.47 1.64
CA GLU A 118 8.63 17.79 1.05
C GLU A 118 7.16 18.06 0.80
N HIS A 119 6.46 17.17 0.04
CA HIS A 119 5.01 17.29 -0.08
C HIS A 119 4.36 16.94 1.27
N THR A 120 3.16 17.47 1.50
CA THR A 120 2.25 17.04 2.54
C THR A 120 1.00 16.54 1.85
N ILE A 121 0.25 15.68 2.55
CA ILE A 121 -1.05 15.24 2.09
C ILE A 121 -2.05 15.65 3.15
N ASP A 122 -2.92 16.60 2.79
CA ASP A 122 -3.88 17.16 3.73
C ASP A 122 -3.16 17.66 4.99
N GLY A 123 -2.01 18.31 4.80
CA GLY A 123 -1.25 18.86 5.91
C GLY A 123 -0.30 17.87 6.59
N PHE A 124 -0.39 16.57 6.30
CA PHE A 124 0.38 15.56 7.04
C PHE A 124 1.78 15.35 6.41
N ARG A 125 2.83 15.41 7.24
CA ARG A 125 4.18 15.10 6.79
C ARG A 125 4.52 13.63 7.07
N PHE A 126 5.25 13.01 6.13
CA PHE A 126 5.76 11.66 6.29
C PHE A 126 7.21 11.74 6.75
N PRO A 127 7.81 10.66 7.32
CA PRO A 127 9.22 10.69 7.68
C PRO A 127 10.26 10.75 6.55
N LEU A 128 9.92 10.24 5.35
CA LEU A 128 10.88 10.05 4.27
C LEU A 128 10.10 10.15 2.95
N GLU A 129 10.58 10.99 2.01
CA GLU A 129 10.01 11.13 0.68
C GLU A 129 11.11 10.84 -0.34
N GLY A 130 10.87 9.82 -1.18
CA GLY A 130 11.81 9.57 -2.26
C GLY A 130 11.37 10.22 -3.58
N HIS A 131 12.36 10.63 -4.38
CA HIS A 131 12.08 11.34 -5.63
C HIS A 131 12.76 10.60 -6.78
N ILE A 132 11.94 9.92 -7.59
CA ILE A 132 12.49 9.23 -8.74
C ILE A 132 12.48 10.21 -9.92
N VAL A 133 13.66 10.57 -10.42
CA VAL A 133 13.72 11.66 -11.41
C VAL A 133 13.93 11.08 -12.81
N SER A 134 13.09 11.51 -13.78
CA SER A 134 13.20 11.02 -15.16
C SER A 134 13.17 12.19 -16.17
N PHE A 135 13.66 11.94 -17.41
CA PHE A 135 13.54 12.99 -18.42
C PHE A 135 12.68 12.50 -19.57
N ARG A 136 12.06 13.48 -20.28
CA ARG A 136 11.13 13.19 -21.37
C ARG A 136 11.92 12.82 -22.63
N ARG A 137 12.43 11.58 -22.63
CA ARG A 137 13.23 11.02 -23.72
C ARG A 137 12.43 11.05 -25.02
N GLN A 138 11.09 11.05 -24.92
CA GLN A 138 10.23 11.21 -26.09
C GLN A 138 10.60 12.47 -26.90
N MET A 139 11.05 13.52 -26.22
CA MET A 139 11.35 14.77 -26.90
C MET A 139 12.84 15.09 -26.85
N TYR A 140 13.55 14.78 -25.73
CA TYR A 140 14.93 15.20 -25.54
C TYR A 140 15.83 13.97 -25.52
N SER A 141 16.96 14.05 -26.23
CA SER A 141 17.97 12.99 -26.39
C SER A 141 18.74 12.67 -25.11
N SER A 142 18.96 13.66 -24.23
CA SER A 142 19.80 13.32 -23.08
C SER A 142 19.32 14.03 -21.83
N PRO A 143 19.70 13.53 -20.63
CA PRO A 143 19.31 14.14 -19.37
C PRO A 143 19.82 15.57 -19.40
N SER A 144 21.06 15.80 -19.89
CA SER A 144 21.56 17.16 -19.77
C SER A 144 20.81 18.15 -20.69
N GLU A 145 20.27 17.70 -21.80
CA GLU A 145 19.44 18.64 -22.56
C GLU A 145 18.08 18.86 -21.86
N ALA A 146 17.47 17.82 -21.27
CA ALA A 146 16.11 17.96 -20.73
C ALA A 146 16.12 18.78 -19.44
N ILE A 147 17.20 18.68 -18.63
CA ILE A 147 17.14 19.13 -17.25
C ILE A 147 16.87 20.64 -17.17
N GLY A 148 17.34 21.41 -18.16
CA GLY A 148 17.06 22.85 -18.08
C GLY A 148 16.07 23.35 -19.15
N ARG A 149 15.31 22.46 -19.83
CA ARG A 149 14.44 22.87 -20.94
C ARG A 149 12.97 22.69 -20.57
N PRO A 150 12.05 23.40 -21.25
CA PRO A 150 10.60 23.30 -20.98
C PRO A 150 10.09 21.85 -21.06
N GLY A 151 9.27 21.47 -20.07
CA GLY A 151 8.63 20.14 -20.09
C GLY A 151 9.66 19.00 -20.03
N GLY A 152 10.90 19.30 -19.56
CA GLY A 152 11.99 18.30 -19.67
C GLY A 152 11.83 17.09 -18.74
N LEU A 153 11.18 17.25 -17.57
CA LEU A 153 11.35 16.28 -16.47
C LEU A 153 10.01 15.78 -15.96
N ALA A 154 10.04 14.56 -15.40
CA ALA A 154 8.92 14.04 -14.64
C ALA A 154 9.51 13.37 -13.39
N VAL A 155 8.99 13.72 -12.21
CA VAL A 155 9.46 13.14 -10.96
C VAL A 155 8.32 12.36 -10.30
N LEU A 156 8.65 11.16 -9.73
CA LEU A 156 7.70 10.41 -8.90
C LEU A 156 8.08 10.62 -7.44
N GLY A 157 7.10 11.02 -6.63
CA GLY A 157 7.22 11.10 -5.19
C GLY A 157 6.66 9.86 -4.50
N ILE A 158 7.50 9.24 -3.65
CA ILE A 158 7.18 8.00 -2.92
C ILE A 158 7.27 8.32 -1.45
N MET A 159 6.13 8.33 -0.76
CA MET A 159 6.08 8.54 0.69
C MET A 159 6.41 7.22 1.36
N HIS A 160 7.11 7.32 2.50
CA HIS A 160 7.41 6.14 3.33
C HIS A 160 6.86 6.42 4.73
N GLN A 161 6.40 5.37 5.43
CA GLN A 161 5.90 5.46 6.80
C GLN A 161 6.51 4.34 7.64
N ILE A 162 6.79 4.65 8.91
CA ILE A 162 7.43 3.75 9.85
C ILE A 162 6.39 2.83 10.47
N VAL A 163 6.71 1.53 10.49
CA VAL A 163 5.91 0.55 11.19
C VAL A 163 6.83 -0.17 12.18
N GLU A 164 6.24 -0.69 13.27
CA GLU A 164 7.10 -1.36 14.24
C GLU A 164 7.23 -2.85 13.93
N SER A 165 6.21 -3.44 13.31
CA SER A 165 6.16 -4.88 13.08
C SER A 165 6.13 -5.19 11.59
N ILE A 166 7.24 -5.74 11.04
CA ILE A 166 7.26 -6.01 9.62
C ILE A 166 8.50 -6.86 9.34
N LYS A 167 8.41 -7.74 8.31
CA LYS A 167 9.63 -8.43 7.87
C LYS A 167 10.40 -7.58 6.86
N TYR A 168 11.74 -7.64 6.92
CA TYR A 168 12.59 -6.85 6.04
C TYR A 168 12.10 -6.99 4.59
N GLU A 169 11.75 -8.19 4.16
CA GLU A 169 11.34 -8.41 2.75
C GLU A 169 10.12 -7.57 2.35
N GLN A 170 9.33 -7.08 3.28
CA GLN A 170 8.14 -6.33 2.89
C GLN A 170 8.37 -4.82 3.04
N THR A 171 9.58 -4.42 3.48
CA THR A 171 9.91 -3.00 3.60
C THR A 171 10.47 -2.51 2.25
N ALA A 172 10.47 -1.19 2.04
CA ALA A 172 11.11 -0.59 0.88
C ALA A 172 12.60 -0.99 0.77
N PHE A 173 13.25 -1.32 1.90
CA PHE A 173 14.70 -1.56 1.86
C PHE A 173 15.02 -2.86 1.12
N LYS A 174 14.03 -3.75 1.02
CA LYS A 174 14.22 -4.88 0.11
C LYS A 174 14.37 -4.41 -1.33
N ALA A 175 13.48 -3.53 -1.81
CA ALA A 175 13.67 -3.00 -3.17
C ALA A 175 15.00 -2.27 -3.30
N TYR A 176 15.39 -1.54 -2.25
CA TYR A 176 16.64 -0.77 -2.27
C TYR A 176 17.87 -1.66 -2.07
N ASN A 177 17.67 -2.94 -1.75
CA ASN A 177 18.79 -3.80 -1.33
C ASN A 177 19.67 -3.13 -0.30
N ASN A 178 19.02 -2.48 0.70
CA ASN A 178 19.70 -1.76 1.77
C ASN A 178 20.72 -0.73 1.28
N PHE A 179 20.69 -0.33 0.01
CA PHE A 179 21.71 0.58 -0.53
C PHE A 179 23.12 0.01 -0.29
N SER A 180 23.23 -1.33 -0.28
CA SER A 180 24.47 -2.08 -0.09
C SER A 180 25.22 -1.64 1.17
N GLY A 181 24.48 -1.13 2.16
CA GLY A 181 25.01 -0.81 3.48
C GLY A 181 25.77 0.51 3.53
N VAL A 182 25.64 1.35 2.50
CA VAL A 182 26.43 2.57 2.38
C VAL A 182 25.91 3.66 3.33
N LEU A 183 24.70 3.51 3.88
CA LEU A 183 24.17 4.59 4.70
C LEU A 183 24.75 4.45 6.12
N ASN A 184 25.80 5.21 6.42
CA ASN A 184 26.44 5.11 7.73
C ASN A 184 27.20 6.41 7.95
N SER A 185 27.78 6.56 9.16
CA SER A 185 28.43 7.80 9.52
C SER A 185 29.66 8.09 8.68
N GLN A 186 30.29 7.05 8.09
CA GLN A 186 31.53 7.30 7.36
C GLN A 186 31.26 7.65 5.90
N PHE A 187 29.98 7.75 5.51
CA PHE A 187 29.66 8.02 4.10
C PHE A 187 29.67 9.54 3.91
N VAL A 188 30.87 10.12 3.80
CA VAL A 188 30.97 11.57 3.92
C VAL A 188 30.89 12.18 2.51
N PRO A 189 30.41 13.44 2.37
CA PRO A 189 30.34 14.07 1.06
C PRO A 189 31.76 14.30 0.54
N PRO A 190 32.06 14.22 -0.78
CA PRO A 190 31.06 13.91 -1.81
C PRO A 190 31.35 12.49 -2.30
N ASN A 191 31.52 11.53 -1.37
CA ASN A 191 31.85 10.18 -1.76
C ASN A 191 30.71 9.54 -2.55
N ASN A 192 31.11 8.67 -3.48
CA ASN A 192 30.17 7.90 -4.25
C ASN A 192 30.59 6.45 -4.11
N SER A 193 29.62 5.55 -4.00
CA SER A 193 29.91 4.13 -3.97
C SER A 193 29.03 3.37 -4.96
N THR A 194 29.59 2.31 -5.56
CA THR A 194 28.83 1.36 -6.34
C THR A 194 27.84 0.64 -5.43
N ILE A 195 26.60 0.43 -5.91
CA ILE A 195 25.65 -0.32 -5.10
C ILE A 195 24.95 -1.34 -5.98
N ASP A 196 24.30 -2.31 -5.32
CA ASP A 196 23.46 -3.23 -6.07
C ASP A 196 22.37 -2.41 -6.74
N ASP A 197 21.86 -2.92 -7.87
CA ASP A 197 20.76 -2.23 -8.55
C ASP A 197 19.54 -2.12 -7.63
N ILE A 198 18.72 -1.09 -7.85
CA ILE A 198 17.54 -0.86 -7.04
C ILE A 198 16.37 -1.42 -7.85
N ASN A 199 15.53 -2.26 -7.25
CA ASN A 199 14.42 -2.83 -7.97
C ASN A 199 13.25 -1.86 -7.88
N LEU A 200 13.20 -0.92 -8.83
CA LEU A 200 12.18 0.13 -8.77
C LEU A 200 10.80 -0.46 -9.08
N ALA A 201 10.72 -1.54 -9.89
CA ALA A 201 9.41 -2.17 -10.12
C ALA A 201 8.84 -2.75 -8.81
N LEU A 202 9.69 -3.42 -8.02
CA LEU A 202 9.23 -3.95 -6.74
C LEU A 202 8.81 -2.79 -5.81
N LEU A 203 9.61 -1.73 -5.81
CA LEU A 203 9.30 -0.57 -4.94
C LEU A 203 7.87 -0.10 -5.24
N LEU A 204 7.60 0.07 -6.54
CA LEU A 204 6.30 0.58 -6.94
C LEU A 204 5.17 -0.39 -6.58
N SER A 205 5.44 -1.71 -6.63
CA SER A 205 4.38 -2.67 -6.27
C SER A 205 4.03 -2.62 -4.77
N LEU A 206 4.86 -1.94 -3.93
CA LEU A 206 4.61 -1.79 -2.48
C LEU A 206 3.48 -0.78 -2.21
N LEU A 207 3.08 -0.02 -3.23
CA LEU A 207 1.96 0.89 -3.04
C LEU A 207 0.99 0.75 -4.20
N ASN A 208 -0.07 1.58 -4.22
CA ASN A 208 -1.05 1.51 -5.30
C ASN A 208 -0.62 2.51 -6.39
N PRO A 209 -0.13 2.04 -7.55
CA PRO A 209 0.40 2.94 -8.57
C PRO A 209 -0.68 3.62 -9.43
N SER A 210 -1.97 3.40 -9.13
CA SER A 210 -3.04 4.16 -9.77
C SER A 210 -3.53 5.31 -8.89
N ARG A 211 -3.03 5.46 -7.65
CA ARG A 211 -3.67 6.40 -6.72
C ARG A 211 -2.68 7.52 -6.38
N TYR A 212 -2.82 8.70 -7.01
CA TYR A 212 -1.73 9.67 -6.96
C TYR A 212 -2.31 11.06 -7.21
N PHE A 213 -1.58 12.08 -6.74
CA PHE A 213 -1.74 13.47 -7.13
C PHE A 213 -0.85 13.74 -8.36
N ARG A 214 -1.30 14.68 -9.23
CA ARG A 214 -0.57 15.07 -10.42
C ARG A 214 -0.69 16.58 -10.61
N TYR A 215 0.44 17.26 -10.87
CA TYR A 215 0.41 18.69 -11.08
C TYR A 215 1.72 19.09 -11.74
N LEU A 216 1.72 20.29 -12.35
CA LEU A 216 2.95 20.83 -12.95
C LEU A 216 3.66 21.73 -11.93
N GLY A 217 4.94 21.53 -11.74
CA GLY A 217 5.68 22.27 -10.70
C GLY A 217 7.16 22.30 -11.06
N SER A 218 8.01 22.18 -10.03
CA SER A 218 9.38 22.60 -10.11
C SER A 218 10.31 21.61 -9.41
N LEU A 219 11.62 21.72 -9.70
CA LEU A 219 12.58 21.09 -8.80
C LEU A 219 12.44 21.72 -7.41
N THR A 220 12.77 20.96 -6.36
CA THR A 220 12.62 21.47 -4.99
C THR A 220 13.97 21.92 -4.41
N THR A 221 15.04 21.92 -5.22
CA THR A 221 16.30 22.54 -4.78
C THR A 221 16.73 23.55 -5.86
N PRO A 222 17.55 24.57 -5.54
CA PRO A 222 17.95 25.54 -6.59
C PRO A 222 18.51 24.84 -7.81
N PRO A 223 18.24 25.25 -9.08
CA PRO A 223 17.51 26.48 -9.39
C PRO A 223 15.98 26.37 -9.49
N CYS A 224 15.40 25.34 -8.87
CA CYS A 224 13.93 25.27 -8.76
C CYS A 224 13.26 25.38 -10.15
N THR A 225 13.84 24.77 -11.18
CA THR A 225 13.34 24.98 -12.54
C THR A 225 11.88 24.52 -12.63
N GLU A 226 11.03 25.30 -13.32
CA GLU A 226 9.62 24.97 -13.47
C GLU A 226 9.39 24.12 -14.71
N ASN A 227 9.92 22.88 -14.68
CA ASN A 227 9.78 22.00 -15.84
C ASN A 227 9.50 20.57 -15.36
N VAL A 228 8.87 20.42 -14.19
CA VAL A 228 8.63 19.09 -13.63
C VAL A 228 7.16 18.71 -13.67
N LEU A 229 6.86 17.58 -14.35
CA LEU A 229 5.54 16.99 -14.21
C LEU A 229 5.57 16.10 -12.98
N TRP A 230 4.85 16.50 -11.91
CA TRP A 230 4.89 15.79 -10.63
C TRP A 230 3.83 14.69 -10.55
N THR A 231 4.20 13.56 -9.94
CA THR A 231 3.26 12.51 -9.61
C THR A 231 3.63 12.08 -8.21
N VAL A 232 2.66 12.22 -7.29
CA VAL A 232 2.96 11.89 -5.89
C VAL A 232 1.98 10.81 -5.44
N PHE A 233 2.47 9.61 -5.14
CA PHE A 233 1.57 8.51 -4.79
C PHE A 233 0.96 8.77 -3.40
N ILE A 234 -0.33 8.45 -3.23
CA ILE A 234 -1.00 8.73 -1.93
C ILE A 234 -0.63 7.69 -0.85
N ASP A 235 -0.56 6.41 -1.21
CA ASP A 235 -0.30 5.35 -0.22
C ASP A 235 1.20 5.24 0.03
N PRO A 236 1.68 5.24 1.29
CA PRO A 236 3.12 5.12 1.51
C PRO A 236 3.63 3.67 1.43
N VAL A 237 4.91 3.50 1.05
CA VAL A 237 5.58 2.22 1.29
C VAL A 237 6.05 2.20 2.75
N LEU A 238 6.54 1.06 3.26
CA LEU A 238 6.76 0.94 4.69
C LEU A 238 8.24 0.71 4.99
N ILE A 239 8.70 1.31 6.10
CA ILE A 239 10.07 1.18 6.60
C ILE A 239 10.02 1.07 8.13
N THR A 240 11.18 0.80 8.75
CA THR A 240 11.27 0.69 10.19
C THR A 240 12.05 1.91 10.71
N ARG A 241 11.95 2.13 12.03
CA ARG A 241 12.73 3.17 12.69
C ARG A 241 14.21 2.94 12.49
N GLU A 242 14.64 1.67 12.53
CA GLU A 242 16.04 1.36 12.31
C GLU A 242 16.51 1.86 10.94
N GLN A 243 15.68 1.62 9.92
CA GLN A 243 16.00 2.05 8.57
C GLN A 243 16.04 3.58 8.43
N ILE A 244 15.06 4.32 8.98
CA ILE A 244 15.11 5.78 8.89
C ILE A 244 16.37 6.31 9.59
N ASN A 245 16.78 5.64 10.69
CA ASN A 245 17.94 6.15 11.40
C ASN A 245 19.23 5.97 10.60
N LEU A 246 19.27 5.03 9.65
CA LEU A 246 20.44 4.91 8.80
C LEU A 246 20.68 6.21 8.02
N PHE A 247 19.61 6.83 7.46
CA PHE A 247 19.79 8.05 6.70
C PHE A 247 20.32 9.14 7.63
N ARG A 248 19.86 9.12 8.89
CA ARG A 248 20.24 10.18 9.80
C ARG A 248 21.71 10.08 10.23
N ASN A 249 22.37 8.96 9.96
CA ASN A 249 23.81 8.82 10.21
C ASN A 249 24.68 9.60 9.20
N LEU A 250 24.14 9.92 8.02
CA LEU A 250 24.93 10.66 7.02
C LEU A 250 25.33 12.05 7.54
N PRO A 251 26.56 12.52 7.27
CA PRO A 251 26.93 13.90 7.58
C PRO A 251 26.43 14.90 6.51
N TYR A 252 25.96 16.08 6.95
CA TYR A 252 25.70 17.18 6.05
C TYR A 252 27.01 17.70 5.46
N GLY A 253 26.91 18.38 4.31
CA GLY A 253 28.04 19.08 3.69
C GLY A 253 28.46 20.28 4.53
N SER A 254 29.66 20.80 4.27
CA SER A 254 30.28 21.77 5.17
C SER A 254 29.57 23.11 5.13
N ASN A 255 28.62 23.31 4.22
CA ASN A 255 28.00 24.62 4.23
C ASN A 255 26.66 24.65 5.00
N GLU A 256 26.30 23.51 5.61
CA GLU A 256 25.14 23.45 6.49
C GLU A 256 25.59 23.85 7.89
N LYS A 257 24.69 24.41 8.70
CA LYS A 257 24.93 24.63 10.11
C LYS A 257 24.83 23.32 10.90
N GLN A 258 23.78 22.51 10.68
CA GLN A 258 23.63 21.21 11.35
C GLN A 258 24.70 20.24 10.84
N THR A 259 25.20 19.37 11.74
CA THR A 259 26.23 18.40 11.43
C THR A 259 25.68 17.14 10.74
N ARG A 260 24.62 16.53 11.28
CA ARG A 260 24.14 15.28 10.71
C ARG A 260 23.03 15.63 9.72
N MET A 261 22.96 14.87 8.62
CA MET A 261 21.95 15.16 7.59
C MET A 261 20.53 14.87 8.08
N GLY A 262 19.69 15.90 8.01
CA GLY A 262 18.29 15.70 8.41
C GLY A 262 17.58 17.05 8.23
N ASP A 263 16.25 17.00 8.13
CA ASP A 263 15.43 18.17 7.80
C ASP A 263 15.86 18.75 6.44
N ASN A 264 16.20 17.86 5.49
CA ASN A 264 16.63 18.31 4.18
C ASN A 264 15.42 18.34 3.25
N PHE A 265 14.43 19.14 3.63
CA PHE A 265 13.22 19.36 2.85
C PHE A 265 13.01 20.85 2.69
N ARG A 266 12.36 21.21 1.57
CA ARG A 266 12.01 22.60 1.29
C ARG A 266 10.67 22.90 1.95
N PRO A 267 10.46 24.12 2.50
CA PRO A 267 9.11 24.51 2.91
C PRO A 267 8.02 24.43 1.83
N ILE A 268 6.77 24.33 2.30
CA ILE A 268 5.62 24.21 1.44
C ILE A 268 5.42 25.51 0.64
N GLN A 269 5.13 25.40 -0.66
CA GLN A 269 4.76 26.50 -1.53
C GLN A 269 3.27 26.46 -1.81
N LEU A 270 2.71 27.59 -2.24
CA LEU A 270 1.29 27.61 -2.60
C LEU A 270 1.11 27.06 -4.02
N LEU A 271 -0.01 26.39 -4.30
CA LEU A 271 -0.36 26.03 -5.65
C LEU A 271 -0.44 27.30 -6.51
N ASN A 272 -1.05 28.37 -5.96
CA ASN A 272 -1.19 29.59 -6.77
C ASN A 272 -0.88 30.82 -5.93
N PRO A 273 0.42 31.22 -5.83
CA PRO A 273 0.78 32.47 -5.14
C PRO A 273 -0.04 33.60 -5.78
N ILE A 274 -0.17 34.71 -5.03
CA ILE A 274 -0.98 35.86 -5.38
C ILE A 274 -0.55 36.46 -6.72
N ASP A 275 0.75 36.42 -7.04
CA ASP A 275 1.24 37.08 -8.25
C ASP A 275 1.14 36.18 -9.49
N THR A 276 0.40 35.06 -9.43
CA THR A 276 0.45 34.11 -10.56
C THR A 276 -0.23 34.73 -11.78
N LEU A 277 0.28 34.44 -12.99
CA LEU A 277 -0.36 34.94 -14.21
C LEU A 277 -1.23 33.89 -14.89
N ALA A 278 -1.23 32.64 -14.40
CA ALA A 278 -2.18 31.68 -14.95
C ALA A 278 -2.20 30.53 -13.96
N SER A 279 -3.34 30.36 -13.30
CA SER A 279 -3.44 29.46 -12.14
C SER A 279 -3.18 28.03 -12.59
N ARG A 280 -2.53 27.22 -11.73
CA ARG A 280 -2.49 25.79 -12.03
C ARG A 280 -3.54 25.06 -11.19
N THR A 281 -3.83 23.83 -11.58
CA THR A 281 -4.82 22.99 -10.94
C THR A 281 -4.12 21.72 -10.40
N LEU A 282 -4.45 21.32 -9.17
CA LEU A 282 -4.01 20.00 -8.66
C LEU A 282 -4.98 18.91 -9.10
N TYR A 283 -4.46 17.85 -9.76
CA TYR A 283 -5.28 16.73 -10.18
C TYR A 283 -5.03 15.52 -9.28
N ARG A 284 -5.95 14.56 -9.39
CA ARG A 284 -5.89 13.33 -8.63
C ARG A 284 -6.32 12.21 -9.58
N ALA A 285 -5.68 11.04 -9.42
CA ALA A 285 -6.00 9.85 -10.16
C ALA A 285 -6.48 8.75 -9.20
N THR A 286 -7.36 7.86 -9.69
CA THR A 286 -7.65 6.59 -8.99
C THR A 286 -7.96 5.52 -10.04
N ALA A 287 -7.94 4.24 -9.63
CA ALA A 287 -8.09 3.10 -10.54
C ALA A 287 -9.51 3.09 -11.07
N ARG A 288 -9.67 2.59 -12.31
CA ARG A 288 -10.99 2.33 -12.87
C ARG A 288 -11.76 1.37 -11.96
N GLY A 289 -12.95 1.81 -11.51
CA GLY A 289 -13.78 1.11 -10.52
C GLY A 289 -14.08 2.03 -9.32
N GLY A 290 -15.21 1.80 -8.64
CA GLY A 290 -15.71 2.72 -7.63
C GLY A 290 -17.05 2.31 -7.01
N SER B 12 -21.50 -22.21 17.50
CA SER B 12 -22.32 -22.73 18.67
C SER B 12 -21.92 -24.15 19.07
N GLU B 13 -21.47 -24.96 18.07
CA GLU B 13 -20.88 -26.27 18.30
C GLU B 13 -19.37 -26.22 18.02
N TRP B 14 -18.88 -25.02 17.71
CA TRP B 14 -17.44 -24.85 17.55
C TRP B 14 -17.06 -23.53 18.21
N SER B 15 -15.77 -23.41 18.56
CA SER B 15 -15.20 -22.20 19.12
C SER B 15 -13.74 -22.11 18.67
N TYR B 16 -13.11 -21.01 19.07
CA TYR B 16 -11.68 -20.78 18.93
C TYR B 16 -10.98 -21.15 20.23
N THR B 17 -11.64 -20.93 21.39
CA THR B 17 -10.84 -20.97 22.62
C THR B 17 -11.27 -22.04 23.63
N ASN B 18 -12.40 -22.70 23.41
CA ASN B 18 -12.82 -23.76 24.31
C ASN B 18 -12.28 -25.09 23.79
N ILE B 19 -11.35 -25.72 24.52
CA ILE B 19 -10.61 -26.87 24.02
C ILE B 19 -11.55 -28.05 23.68
N LEU B 20 -12.80 -28.02 24.15
CA LEU B 20 -13.76 -29.06 23.77
C LEU B 20 -14.23 -28.89 22.33
N THR B 21 -14.21 -27.64 21.81
CA THR B 21 -14.86 -27.42 20.54
C THR B 21 -13.97 -26.58 19.61
N GLY B 22 -12.70 -26.43 20.02
CA GLY B 22 -11.72 -25.53 19.43
C GLY B 22 -11.18 -26.08 18.11
N PRO B 23 -10.30 -25.34 17.40
CA PRO B 23 -9.88 -25.70 16.03
C PRO B 23 -9.27 -27.09 15.87
N GLU B 24 -8.63 -27.62 16.93
CA GLU B 24 -8.06 -28.97 16.87
C GLU B 24 -9.14 -30.04 16.78
N THR B 25 -10.39 -29.68 17.07
CA THR B 25 -11.43 -30.69 17.09
C THR B 25 -12.25 -30.64 15.80
N TRP B 26 -12.05 -29.61 14.96
CA TRP B 26 -12.96 -29.43 13.82
C TRP B 26 -12.84 -30.61 12.86
N HIS B 27 -11.63 -31.17 12.70
CA HIS B 27 -11.51 -32.23 11.71
C HIS B 27 -12.33 -33.45 12.12
N GLU B 28 -12.46 -33.64 13.45
CA GLU B 28 -13.25 -34.72 14.02
C GLU B 28 -14.73 -34.34 14.04
N HIS B 29 -15.05 -33.09 14.40
CA HIS B 29 -16.46 -32.73 14.54
C HIS B 29 -17.11 -32.42 13.19
N TYR B 30 -16.33 -31.99 12.16
CA TYR B 30 -16.91 -31.64 10.87
C TYR B 30 -16.04 -32.23 9.75
N LYS B 31 -16.06 -33.56 9.64
CA LYS B 31 -15.10 -34.18 8.74
C LYS B 31 -15.34 -33.70 7.31
N ASN B 32 -16.62 -33.51 6.87
CA ASN B 32 -16.94 -32.83 5.61
C ASN B 32 -17.11 -31.35 5.93
N MET B 33 -16.07 -30.51 5.69
CA MET B 33 -14.82 -30.86 5.01
C MET B 33 -13.57 -30.45 5.80
N CYS B 34 -13.68 -30.21 7.11
CA CYS B 34 -12.53 -29.76 7.89
C CYS B 34 -11.41 -30.81 7.98
N SER B 35 -11.69 -32.06 7.58
CA SER B 35 -10.65 -33.10 7.51
C SER B 35 -9.92 -33.15 6.16
N GLY B 36 -10.28 -32.27 5.21
CA GLY B 36 -9.82 -32.34 3.82
C GLY B 36 -8.36 -31.90 3.66
N TYR B 37 -7.90 -31.91 2.41
CA TYR B 37 -6.51 -31.55 2.20
C TYR B 37 -6.39 -30.37 1.22
N TYR B 38 -7.49 -29.60 1.07
CA TYR B 38 -7.45 -28.32 0.35
C TYR B 38 -7.93 -27.24 1.34
N GLN B 39 -7.36 -27.20 2.54
CA GLN B 39 -7.85 -26.34 3.62
C GLN B 39 -7.11 -24.99 3.64
N SER B 40 -7.78 -24.01 4.26
CA SER B 40 -7.25 -22.67 4.51
C SER B 40 -7.33 -22.35 6.00
N PRO B 41 -6.52 -21.42 6.56
CA PRO B 41 -5.50 -20.67 5.82
C PRO B 41 -4.22 -21.46 5.65
N ILE B 42 -3.31 -20.88 4.87
CA ILE B 42 -2.01 -21.49 4.62
C ILE B 42 -0.96 -20.41 4.83
N ASP B 43 0.30 -20.88 4.98
CA ASP B 43 1.44 -19.98 4.87
C ASP B 43 1.68 -19.61 3.41
N LEU B 44 1.66 -18.29 3.13
CA LEU B 44 1.83 -17.82 1.76
C LEU B 44 3.31 -17.56 1.54
N LYS B 45 3.97 -18.47 0.80
CA LYS B 45 5.41 -18.49 0.71
C LYS B 45 5.85 -17.90 -0.63
N THR B 46 6.51 -16.74 -0.61
CA THR B 46 6.89 -16.04 -1.83
C THR B 46 7.80 -16.92 -2.70
N ASP B 47 8.74 -17.65 -2.08
CA ASP B 47 9.74 -18.44 -2.78
C ASP B 47 9.09 -19.69 -3.38
N ILE B 48 8.24 -20.36 -2.62
CA ILE B 48 7.57 -21.53 -3.16
C ILE B 48 6.19 -21.13 -3.68
N SER B 49 6.11 -20.15 -4.57
CA SER B 49 4.84 -19.90 -5.24
C SER B 49 5.18 -19.69 -6.71
N THR B 50 4.22 -19.86 -7.63
CA THR B 50 4.42 -19.67 -9.06
C THR B 50 3.80 -18.35 -9.50
N LEU B 51 4.63 -17.47 -10.08
CA LEU B 51 4.15 -16.19 -10.61
C LEU B 51 3.31 -16.44 -11.86
N ASP B 52 2.09 -15.92 -11.93
CA ASP B 52 1.29 -16.16 -13.12
C ASP B 52 0.85 -14.80 -13.64
N LEU B 53 1.40 -14.42 -14.79
CA LEU B 53 1.33 -13.05 -15.31
C LEU B 53 -0.05 -12.78 -15.87
N LYS B 54 -0.84 -13.84 -16.06
CA LYS B 54 -2.16 -13.66 -16.63
C LYS B 54 -3.15 -13.25 -15.56
N LEU B 55 -2.78 -13.28 -14.27
CA LEU B 55 -3.77 -12.93 -13.25
C LEU B 55 -3.80 -11.39 -13.17
N LYS B 56 -4.98 -10.80 -13.31
CA LYS B 56 -5.09 -9.37 -13.55
C LYS B 56 -5.47 -8.62 -12.27
N THR B 57 -5.48 -7.28 -12.38
CA THR B 57 -5.77 -6.46 -11.21
C THR B 57 -7.21 -6.75 -10.75
N VAL B 58 -7.44 -6.74 -9.42
CA VAL B 58 -8.77 -6.96 -8.88
C VAL B 58 -9.49 -5.62 -8.87
N ILE B 59 -10.77 -5.60 -9.21
CA ILE B 59 -11.57 -4.37 -9.13
C ILE B 59 -12.75 -4.66 -8.22
N ILE B 60 -13.07 -3.74 -7.31
CA ILE B 60 -14.32 -3.84 -6.59
C ILE B 60 -15.17 -2.61 -6.98
N TYR B 61 -16.48 -2.78 -7.16
CA TYR B 61 -17.31 -1.77 -7.79
C TYR B 61 -18.73 -1.94 -7.29
N ARG B 62 -19.51 -0.82 -7.26
CA ARG B 62 -20.80 -0.75 -6.58
C ARG B 62 -21.89 -0.51 -7.63
N ASN B 63 -23.07 -1.08 -7.38
CA ASN B 63 -24.23 -0.76 -8.18
C ASN B 63 -24.77 0.57 -7.62
N THR B 64 -24.60 1.67 -8.36
CA THR B 64 -24.92 3.00 -7.85
C THR B 64 -26.42 3.19 -7.63
N SER B 65 -27.26 2.29 -8.13
CA SER B 65 -28.67 2.53 -7.89
C SER B 65 -29.21 1.65 -6.76
N SER B 66 -28.31 0.94 -6.05
CA SER B 66 -28.70 0.23 -4.85
C SER B 66 -28.90 1.19 -3.67
N THR B 67 -29.92 0.91 -2.85
CA THR B 67 -30.42 1.80 -1.83
C THR B 67 -30.37 1.16 -0.45
N GLU B 68 -30.30 -0.17 -0.40
CA GLU B 68 -30.54 -0.83 0.87
C GLU B 68 -29.39 -0.62 1.88
N THR B 69 -29.75 -0.79 3.16
CA THR B 69 -28.92 -0.61 4.35
C THR B 69 -27.85 -1.71 4.47
N THR B 70 -26.65 -1.37 5.01
CA THR B 70 -25.66 -2.34 5.49
C THR B 70 -25.82 -2.59 6.99
N THR B 71 -25.58 -3.82 7.47
CA THR B 71 -25.52 -4.02 8.92
C THR B 71 -24.20 -4.68 9.30
N ILE B 72 -23.93 -4.76 10.62
CA ILE B 72 -22.83 -5.52 11.20
C ILE B 72 -23.36 -6.35 12.38
N GLN B 73 -22.82 -7.56 12.57
CA GLN B 73 -23.27 -8.42 13.65
C GLN B 73 -22.06 -8.91 14.44
N ASN B 74 -22.21 -8.94 15.77
CA ASN B 74 -21.37 -9.79 16.59
C ASN B 74 -21.98 -11.18 16.53
N ASN B 75 -21.37 -12.11 15.76
CA ASN B 75 -21.99 -13.43 15.62
C ASN B 75 -21.48 -14.36 16.71
N GLY B 76 -20.68 -13.87 17.65
CA GLY B 76 -20.12 -14.69 18.72
C GLY B 76 -18.70 -15.18 18.45
N HIS B 77 -18.27 -15.19 17.16
CA HIS B 77 -16.97 -15.68 16.70
CA HIS B 77 -16.91 -15.62 16.86
C HIS B 77 -16.17 -14.56 16.03
N SER B 78 -16.88 -13.66 15.35
CA SER B 78 -16.24 -12.54 14.70
C SER B 78 -17.20 -11.36 14.61
N ALA B 79 -16.70 -10.19 14.17
CA ALA B 79 -17.53 -9.10 13.69
C ALA B 79 -17.76 -9.25 12.19
N GLU B 80 -19.02 -9.34 11.76
CA GLU B 80 -19.36 -9.68 10.39
C GLU B 80 -20.25 -8.61 9.77
N VAL B 81 -19.73 -7.91 8.77
CA VAL B 81 -20.54 -6.93 8.05
C VAL B 81 -21.39 -7.70 7.02
N LYS B 82 -22.69 -7.41 6.96
CA LYS B 82 -23.57 -8.05 5.99
C LYS B 82 -24.02 -7.00 5.00
N PHE B 83 -23.63 -7.17 3.73
CA PHE B 83 -23.97 -6.26 2.66
C PHE B 83 -25.35 -6.62 2.10
N PRO B 84 -26.14 -5.65 1.62
CA PRO B 84 -27.41 -5.98 0.97
C PRO B 84 -27.10 -6.64 -0.38
N ARG B 85 -28.04 -7.42 -0.92
CA ARG B 85 -27.89 -8.11 -2.20
C ARG B 85 -27.71 -7.11 -3.33
N ASN B 86 -27.12 -7.54 -4.45
CA ASN B 86 -27.07 -6.79 -5.70
C ASN B 86 -26.40 -5.42 -5.57
N THR B 87 -25.34 -5.31 -4.75
CA THR B 87 -24.81 -3.99 -4.37
C THR B 87 -23.30 -3.85 -4.61
N TRP B 88 -22.50 -4.76 -4.05
CA TRP B 88 -21.06 -4.70 -4.22
C TRP B 88 -20.58 -5.94 -5.01
N PHE B 89 -19.60 -5.74 -5.91
CA PHE B 89 -19.12 -6.77 -6.84
C PHE B 89 -17.59 -6.82 -6.89
N ILE B 90 -17.04 -7.99 -7.30
CA ILE B 90 -15.63 -8.10 -7.66
C ILE B 90 -15.52 -8.46 -9.14
N SER B 91 -14.57 -7.82 -9.83
CA SER B 91 -14.18 -8.29 -11.15
C SER B 91 -12.72 -8.68 -11.10
N PHE B 92 -12.44 -9.89 -11.63
CA PHE B 92 -11.09 -10.40 -11.79
C PHE B 92 -10.64 -10.27 -13.25
N ASP B 93 -11.55 -9.87 -14.17
CA ASP B 93 -11.24 -9.96 -15.60
C ASP B 93 -11.32 -8.58 -16.28
N GLY B 94 -11.55 -7.50 -15.52
CA GLY B 94 -11.63 -6.20 -16.16
C GLY B 94 -13.03 -5.84 -16.66
N ILE B 95 -13.95 -6.83 -16.69
CA ILE B 95 -15.32 -6.60 -17.12
C ILE B 95 -16.21 -6.39 -15.89
N LEU B 96 -17.05 -5.36 -15.94
CA LEU B 96 -17.92 -5.00 -14.84
C LEU B 96 -19.30 -5.64 -15.04
N ASP B 97 -19.38 -6.98 -15.12
CA ASP B 97 -20.63 -7.65 -15.47
C ASP B 97 -21.13 -8.58 -14.37
N TYR B 98 -20.82 -8.31 -13.10
CA TYR B 98 -21.51 -8.92 -11.95
C TYR B 98 -21.23 -10.41 -11.83
N LYS B 99 -20.04 -10.89 -12.24
CA LYS B 99 -19.62 -12.28 -12.05
C LYS B 99 -19.50 -12.71 -10.58
N TYR B 100 -19.00 -11.80 -9.70
CA TYR B 100 -18.87 -12.13 -8.29
C TYR B 100 -19.59 -11.05 -7.50
N GLU B 101 -20.50 -11.46 -6.61
CA GLU B 101 -21.29 -10.53 -5.81
C GLU B 101 -20.89 -10.65 -4.35
N ILE B 102 -20.50 -9.51 -3.75
CA ILE B 102 -20.07 -9.52 -2.35
C ILE B 102 -21.28 -9.71 -1.43
N ILE B 103 -21.11 -10.57 -0.43
CA ILE B 103 -22.13 -10.90 0.56
C ILE B 103 -21.76 -10.31 1.90
N GLN B 104 -20.51 -10.51 2.35
CA GLN B 104 -20.19 -10.14 3.72
CA GLN B 104 -20.19 -10.05 3.69
C GLN B 104 -18.69 -9.82 3.85
N MET B 105 -18.34 -9.15 4.97
CA MET B 105 -16.92 -9.03 5.30
C MET B 105 -16.71 -9.35 6.78
N HIS B 106 -15.80 -10.30 7.07
CA HIS B 106 -15.60 -10.41 8.50
CA HIS B 106 -15.46 -10.89 8.37
C HIS B 106 -14.12 -10.33 8.84
N PHE B 107 -13.87 -10.30 10.16
CA PHE B 107 -12.57 -9.88 10.66
C PHE B 107 -12.00 -10.92 11.61
N HIS B 108 -10.68 -11.06 11.59
CA HIS B 108 -9.97 -11.95 12.52
C HIS B 108 -8.83 -11.14 13.11
N TRP B 109 -8.62 -11.22 14.44
CA TRP B 109 -7.58 -10.45 15.11
C TRP B 109 -7.05 -11.20 16.32
N GLY B 110 -6.05 -10.57 16.97
CA GLY B 110 -5.27 -11.15 18.04
C GLY B 110 -5.59 -10.48 19.38
N ASN B 111 -5.31 -11.19 20.48
CA ASN B 111 -5.30 -10.56 21.80
C ASN B 111 -4.22 -9.49 21.84
N THR B 112 -3.13 -9.68 21.07
CA THR B 112 -1.96 -8.82 21.05
C THR B 112 -1.64 -8.44 19.60
N ASP B 113 -0.77 -7.43 19.40
CA ASP B 113 -0.58 -6.81 18.09
C ASP B 113 0.31 -7.68 17.20
N ASP B 114 1.00 -8.67 17.78
CA ASP B 114 1.89 -9.49 16.99
C ASP B 114 1.15 -10.69 16.36
N ARG B 115 -0.16 -10.83 16.54
CA ARG B 115 -0.84 -11.94 15.89
C ARG B 115 -2.28 -11.56 15.59
N GLY B 116 -2.99 -12.40 14.82
CA GLY B 116 -4.38 -12.09 14.53
C GLY B 116 -4.84 -12.64 13.17
N SER B 117 -3.98 -12.55 12.14
CA SER B 117 -4.37 -12.92 10.80
C SER B 117 -4.46 -14.46 10.69
N GLU B 118 -5.27 -14.95 9.74
CA GLU B 118 -5.40 -16.37 9.44
C GLU B 118 -4.26 -16.80 8.55
N HIS B 119 -4.14 -16.15 7.36
CA HIS B 119 -2.97 -16.36 6.52
C HIS B 119 -1.71 -15.73 7.16
N THR B 120 -0.55 -16.32 6.88
CA THR B 120 0.74 -15.70 7.16
C THR B 120 1.41 -15.45 5.81
N ILE B 121 2.34 -14.48 5.79
CA ILE B 121 3.13 -14.24 4.59
C ILE B 121 4.58 -14.45 5.00
N ASP B 122 5.18 -15.49 4.41
CA ASP B 122 6.50 -16.00 4.79
C ASP B 122 6.61 -16.12 6.30
N GLY B 123 5.57 -16.67 6.93
CA GLY B 123 5.65 -16.95 8.36
C GLY B 123 5.20 -15.78 9.23
N PHE B 124 4.92 -14.61 8.65
CA PHE B 124 4.63 -13.40 9.43
C PHE B 124 3.12 -13.24 9.64
N ARG B 125 2.72 -12.97 10.89
CA ARG B 125 1.30 -12.76 11.22
C ARG B 125 1.02 -11.25 11.32
N PHE B 126 -0.11 -10.81 10.77
CA PHE B 126 -0.53 -9.42 10.84
C PHE B 126 -1.52 -9.32 12.00
N PRO B 127 -1.76 -8.10 12.55
CA PRO B 127 -2.71 -7.98 13.66
C PRO B 127 -4.18 -8.19 13.32
N LEU B 128 -4.58 -8.01 12.06
CA LEU B 128 -5.98 -8.09 11.66
C LEU B 128 -6.02 -8.55 10.20
N GLU B 129 -6.90 -9.52 9.86
CA GLU B 129 -7.15 -9.92 8.46
C GLU B 129 -8.65 -9.81 8.22
N GLY B 130 -9.00 -9.05 7.17
CA GLY B 130 -10.39 -8.91 6.77
C GLY B 130 -10.70 -9.88 5.62
N HIS B 131 -11.89 -10.53 5.64
CA HIS B 131 -12.26 -11.42 4.55
C HIS B 131 -13.52 -10.90 3.87
N ILE B 132 -13.38 -10.52 2.61
CA ILE B 132 -14.51 -10.04 1.83
C ILE B 132 -15.04 -11.27 1.08
N VAL B 133 -16.26 -11.74 1.40
CA VAL B 133 -16.77 -13.02 0.90
C VAL B 133 -17.75 -12.71 -0.23
N SER B 134 -17.50 -13.29 -1.42
CA SER B 134 -18.47 -13.19 -2.51
C SER B 134 -18.90 -14.55 -3.04
N PHE B 135 -20.04 -14.57 -3.77
CA PHE B 135 -20.40 -15.78 -4.48
C PHE B 135 -20.29 -15.56 -5.97
N ARG B 136 -20.05 -16.68 -6.67
CA ARG B 136 -19.90 -16.72 -8.11
C ARG B 136 -21.29 -16.64 -8.76
N ARG B 137 -21.78 -15.39 -8.82
CA ARG B 137 -23.04 -15.06 -9.48
C ARG B 137 -23.08 -15.45 -10.96
N GLN B 138 -21.95 -15.43 -11.67
CA GLN B 138 -21.87 -15.95 -13.04
C GLN B 138 -22.54 -17.33 -13.16
N MET B 139 -22.46 -18.19 -12.12
CA MET B 139 -22.97 -19.55 -12.15
C MET B 139 -24.21 -19.75 -11.26
N TYR B 140 -24.22 -19.12 -10.08
CA TYR B 140 -25.19 -19.43 -9.04
C TYR B 140 -26.02 -18.17 -8.74
N SER B 141 -27.34 -18.31 -8.61
CA SER B 141 -28.20 -17.13 -8.60
C SER B 141 -28.31 -16.56 -7.19
N SER B 142 -28.03 -17.35 -6.16
CA SER B 142 -28.13 -16.82 -4.82
C SER B 142 -26.95 -17.29 -3.99
N PRO B 143 -26.64 -16.61 -2.87
CA PRO B 143 -25.58 -17.05 -1.97
C PRO B 143 -25.92 -18.40 -1.35
N SER B 144 -27.20 -18.61 -0.98
CA SER B 144 -27.44 -19.87 -0.27
C SER B 144 -27.23 -21.06 -1.20
N GLU B 145 -27.47 -20.87 -2.49
CA GLU B 145 -27.12 -21.87 -3.51
C GLU B 145 -25.60 -22.00 -3.58
N ALA B 146 -24.87 -20.89 -3.57
CA ALA B 146 -23.43 -20.94 -3.86
C ALA B 146 -22.61 -21.48 -2.69
N ILE B 147 -22.97 -21.10 -1.44
CA ILE B 147 -22.18 -21.39 -0.26
C ILE B 147 -21.78 -22.87 -0.13
N GLY B 148 -22.65 -23.79 -0.58
CA GLY B 148 -22.46 -25.23 -0.38
C GLY B 148 -22.02 -25.96 -1.66
N ARG B 149 -21.84 -25.24 -2.77
CA ARG B 149 -21.65 -25.93 -4.05
C ARG B 149 -20.23 -25.72 -4.57
N PRO B 150 -19.75 -26.62 -5.47
CA PRO B 150 -18.38 -26.55 -5.99
C PRO B 150 -18.14 -25.19 -6.62
N GLY B 151 -16.99 -24.59 -6.30
CA GLY B 151 -16.59 -23.38 -7.01
C GLY B 151 -17.49 -22.19 -6.69
N GLY B 152 -18.28 -22.28 -5.58
CA GLY B 152 -19.31 -21.26 -5.39
C GLY B 152 -18.81 -19.89 -4.87
N LEU B 153 -17.63 -19.85 -4.22
CA LEU B 153 -17.18 -18.69 -3.45
C LEU B 153 -15.83 -18.15 -3.91
N ALA B 154 -15.63 -16.84 -3.68
CA ALA B 154 -14.32 -16.20 -3.83
C ALA B 154 -14.17 -15.21 -2.66
N VAL B 155 -13.05 -15.31 -1.93
CA VAL B 155 -12.82 -14.45 -0.78
C VAL B 155 -11.58 -13.63 -1.05
N LEU B 156 -11.62 -12.34 -0.67
CA LEU B 156 -10.38 -11.54 -0.72
C LEU B 156 -9.89 -11.37 0.72
N GLY B 157 -8.60 -11.60 0.96
CA GLY B 157 -7.98 -11.42 2.25
C GLY B 157 -7.25 -10.09 2.23
N ILE B 158 -7.60 -9.20 3.18
CA ILE B 158 -6.97 -7.89 3.30
C ILE B 158 -6.17 -7.87 4.60
N MET B 159 -4.84 -7.75 4.51
CA MET B 159 -4.07 -7.64 5.74
C MET B 159 -4.12 -6.18 6.21
N HIS B 160 -3.99 -5.97 7.52
CA HIS B 160 -3.90 -4.62 8.08
C HIS B 160 -2.68 -4.58 8.99
N GLN B 161 -1.93 -3.47 8.97
CA GLN B 161 -0.79 -3.30 9.87
C GLN B 161 -0.96 -1.99 10.65
N ILE B 162 -0.44 -1.99 11.87
CA ILE B 162 -0.54 -0.85 12.78
C ILE B 162 0.61 0.13 12.55
N VAL B 163 0.26 1.43 12.43
CA VAL B 163 1.23 2.52 12.39
C VAL B 163 0.92 3.55 13.48
N GLU B 164 1.96 4.25 13.95
CA GLU B 164 1.81 5.25 15.00
C GLU B 164 1.41 6.61 14.41
N SER B 165 1.84 6.90 13.17
CA SER B 165 1.59 8.24 12.63
C SER B 165 0.76 8.17 11.33
N ILE B 166 -0.51 8.61 11.38
CA ILE B 166 -1.35 8.62 10.18
C ILE B 166 -2.56 9.53 10.40
N LYS B 167 -3.08 10.16 9.31
CA LYS B 167 -4.39 10.82 9.41
C LYS B 167 -5.50 9.79 9.35
N TYR B 168 -6.57 10.01 10.14
CA TYR B 168 -7.72 9.12 10.12
C TYR B 168 -8.12 8.72 8.69
N GLU B 169 -8.16 9.72 7.80
CA GLU B 169 -8.69 9.60 6.46
C GLU B 169 -7.87 8.64 5.58
N GLN B 170 -6.65 8.29 6.01
CA GLN B 170 -5.79 7.40 5.23
C GLN B 170 -5.74 6.00 5.84
N THR B 171 -6.53 5.76 6.91
CA THR B 171 -6.55 4.44 7.53
C THR B 171 -7.70 3.63 6.92
N ALA B 172 -7.62 2.29 7.02
CA ALA B 172 -8.75 1.45 6.61
C ALA B 172 -10.09 1.85 7.29
N PHE B 173 -10.05 2.41 8.52
CA PHE B 173 -11.30 2.73 9.20
C PHE B 173 -12.08 3.83 8.49
N LYS B 174 -11.38 4.69 7.75
CA LYS B 174 -12.10 5.65 6.92
C LYS B 174 -12.98 4.91 5.90
N ALA B 175 -12.44 3.86 5.26
CA ALA B 175 -13.26 3.12 4.30
C ALA B 175 -14.44 2.43 4.99
N TYR B 176 -14.21 1.98 6.23
CA TYR B 176 -15.24 1.32 7.02
C TYR B 176 -16.23 2.33 7.66
N ASN B 177 -16.01 3.63 7.45
CA ASN B 177 -16.73 4.70 8.16
C ASN B 177 -16.80 4.44 9.66
N ASN B 178 -15.66 3.97 10.17
CA ASN B 178 -15.49 3.70 11.59
C ASN B 178 -16.56 2.72 12.11
N PHE B 179 -17.23 1.95 11.23
CA PHE B 179 -18.29 1.01 11.63
C PHE B 179 -19.44 1.77 12.33
N SER B 180 -19.59 3.04 11.95
CA SER B 180 -20.59 3.98 12.47
C SER B 180 -20.52 4.04 13.99
N GLY B 181 -19.34 3.79 14.56
CA GLY B 181 -19.12 3.91 15.99
C GLY B 181 -19.77 2.80 16.80
N VAL B 182 -20.11 1.68 16.16
CA VAL B 182 -20.96 0.68 16.77
C VAL B 182 -20.18 -0.30 17.65
N LEU B 183 -18.85 -0.42 17.46
CA LEU B 183 -18.04 -1.38 18.20
C LEU B 183 -17.81 -0.92 19.64
N ASN B 184 -18.35 -1.66 20.63
CA ASN B 184 -18.05 -1.40 22.04
C ASN B 184 -18.43 -2.65 22.83
N SER B 185 -18.25 -2.61 24.16
CA SER B 185 -18.49 -3.77 25.02
C SER B 185 -19.95 -4.21 25.04
N GLN B 186 -20.87 -3.33 24.61
CA GLN B 186 -22.28 -3.69 24.70
C GLN B 186 -22.77 -4.39 23.44
N PHE B 187 -21.90 -4.44 22.43
CA PHE B 187 -22.26 -5.04 21.16
C PHE B 187 -22.10 -6.54 21.30
N VAL B 188 -23.17 -7.19 21.78
CA VAL B 188 -23.08 -8.56 22.29
C VAL B 188 -23.67 -9.52 21.25
N PRO B 189 -23.22 -10.80 21.18
CA PRO B 189 -23.82 -11.74 20.23
C PRO B 189 -25.26 -12.04 20.66
N PRO B 190 -26.25 -12.22 19.75
CA PRO B 190 -26.02 -12.22 18.30
C PRO B 190 -26.50 -10.90 17.68
N ASN B 191 -26.35 -9.79 18.40
CA ASN B 191 -26.97 -8.54 17.97
C ASN B 191 -26.41 -8.06 16.63
N ASN B 192 -27.24 -7.34 15.89
CA ASN B 192 -26.76 -6.69 14.68
C ASN B 192 -27.10 -5.22 14.80
N SER B 193 -26.41 -4.38 14.04
CA SER B 193 -26.75 -2.97 14.00
C SER B 193 -26.57 -2.40 12.59
N THR B 194 -27.53 -1.58 12.15
CA THR B 194 -27.38 -0.78 10.94
C THR B 194 -26.12 0.10 11.03
N ILE B 195 -25.38 0.24 9.92
CA ILE B 195 -24.19 1.09 9.90
C ILE B 195 -24.15 1.85 8.56
N ASP B 196 -23.40 2.95 8.49
CA ASP B 196 -23.18 3.55 7.17
C ASP B 196 -22.49 2.55 6.26
N ASP B 197 -22.68 2.69 4.95
CA ASP B 197 -22.07 1.75 4.02
C ASP B 197 -20.55 1.81 4.08
N ILE B 198 -19.89 0.67 3.81
CA ILE B 198 -18.44 0.54 3.72
C ILE B 198 -18.01 0.90 2.30
N ASN B 199 -17.05 1.80 2.14
CA ASN B 199 -16.57 2.13 0.82
C ASN B 199 -15.47 1.12 0.43
N LEU B 200 -15.87 -0.02 -0.15
CA LEU B 200 -14.92 -1.10 -0.44
C LEU B 200 -13.97 -0.68 -1.56
N ALA B 201 -14.41 0.24 -2.43
CA ALA B 201 -13.46 0.68 -3.45
C ALA B 201 -12.33 1.53 -2.88
N LEU B 202 -12.64 2.44 -1.96
CA LEU B 202 -11.59 3.13 -1.23
C LEU B 202 -10.68 2.13 -0.50
N LEU B 203 -11.27 1.13 0.17
CA LEU B 203 -10.42 0.18 0.91
C LEU B 203 -9.37 -0.43 -0.02
N LEU B 204 -9.82 -0.88 -1.19
CA LEU B 204 -8.93 -1.55 -2.11
C LEU B 204 -7.85 -0.58 -2.63
N SER B 205 -8.17 0.71 -2.74
CA SER B 205 -7.22 1.69 -3.25
C SER B 205 -6.09 1.94 -2.23
N LEU B 206 -6.28 1.48 -0.97
CA LEU B 206 -5.28 1.68 0.10
C LEU B 206 -4.10 0.67 -0.01
N LEU B 207 -4.23 -0.30 -0.92
CA LEU B 207 -3.17 -1.26 -1.19
C LEU B 207 -3.01 -1.40 -2.71
N ASN B 208 -2.06 -2.25 -3.13
CA ASN B 208 -1.85 -2.54 -4.55
C ASN B 208 -2.72 -3.74 -4.97
N PRO B 209 -3.79 -3.50 -5.74
CA PRO B 209 -4.71 -4.58 -6.09
C PRO B 209 -4.25 -5.49 -7.24
N SER B 210 -3.02 -5.30 -7.74
CA SER B 210 -2.40 -6.21 -8.70
C SER B 210 -1.49 -7.22 -8.02
N ARG B 211 -1.16 -7.05 -6.73
CA ARG B 211 -0.09 -7.82 -6.12
C ARG B 211 -0.70 -8.75 -5.04
N TYR B 212 -0.79 -10.07 -5.33
CA TYR B 212 -1.54 -10.89 -4.40
C TYR B 212 -1.13 -12.36 -4.55
N PHE B 213 -1.46 -13.19 -3.55
CA PHE B 213 -1.38 -14.64 -3.71
C PHE B 213 -2.77 -15.15 -4.15
N ARG B 214 -2.79 -16.26 -4.89
CA ARG B 214 -4.00 -16.86 -5.39
C ARG B 214 -3.90 -18.39 -5.22
N TYR B 215 -4.97 -19.05 -4.69
CA TYR B 215 -4.96 -20.53 -4.62
C TYR B 215 -6.40 -20.98 -4.34
N LEU B 216 -6.67 -22.28 -4.56
CA LEU B 216 -7.94 -22.91 -4.22
C LEU B 216 -7.86 -23.49 -2.83
N GLY B 217 -8.82 -23.07 -1.99
CA GLY B 217 -8.81 -23.50 -0.59
C GLY B 217 -10.24 -23.61 -0.06
N SER B 218 -10.42 -23.20 1.20
CA SER B 218 -11.64 -23.52 1.93
C SER B 218 -12.07 -22.34 2.80
N LEU B 219 -13.30 -22.45 3.34
CA LEU B 219 -13.73 -21.57 4.41
C LEU B 219 -12.83 -21.87 5.61
N THR B 220 -12.60 -20.85 6.46
CA THR B 220 -11.69 -21.04 7.57
C THR B 220 -12.46 -21.35 8.86
N THR B 221 -13.80 -21.44 8.78
CA THR B 221 -14.60 -21.87 9.93
C THR B 221 -15.47 -23.05 9.49
N PRO B 222 -15.92 -23.92 10.43
CA PRO B 222 -16.62 -25.14 10.02
C PRO B 222 -17.82 -24.73 9.18
N PRO B 223 -18.25 -25.49 8.16
CA PRO B 223 -17.67 -26.80 7.83
C PRO B 223 -16.43 -26.77 6.89
N CYS B 224 -15.72 -25.63 6.80
CA CYS B 224 -14.46 -25.58 6.07
C CYS B 224 -14.62 -26.07 4.65
N THR B 225 -15.73 -25.67 3.99
CA THR B 225 -16.02 -26.19 2.65
C THR B 225 -14.89 -25.84 1.68
N GLU B 226 -14.42 -26.83 0.89
CA GLU B 226 -13.33 -26.63 -0.06
C GLU B 226 -13.92 -26.11 -1.39
N ASN B 227 -14.45 -24.88 -1.37
CA ASN B 227 -15.03 -24.29 -2.58
C ASN B 227 -14.65 -22.80 -2.68
N VAL B 228 -13.46 -22.41 -2.14
CA VAL B 228 -13.12 -21.00 -2.12
C VAL B 228 -11.95 -20.68 -3.07
N LEU B 229 -12.17 -19.76 -4.01
CA LEU B 229 -11.05 -19.18 -4.75
C LEU B 229 -10.47 -18.05 -3.89
N TRP B 230 -9.24 -18.20 -3.40
CA TRP B 230 -8.63 -17.29 -2.43
C TRP B 230 -7.79 -16.29 -3.19
N THR B 231 -7.86 -15.01 -2.76
CA THR B 231 -6.95 -13.96 -3.23
C THR B 231 -6.52 -13.24 -1.96
N VAL B 232 -5.22 -13.17 -1.67
CA VAL B 232 -4.74 -12.50 -0.45
C VAL B 232 -3.74 -11.44 -0.89
N PHE B 233 -4.06 -10.15 -0.68
CA PHE B 233 -3.20 -9.08 -1.16
C PHE B 233 -1.94 -9.03 -0.29
N ILE B 234 -0.78 -8.84 -0.94
CA ILE B 234 0.49 -8.87 -0.21
C ILE B 234 0.71 -7.58 0.62
N ASP B 235 0.30 -6.43 0.10
CA ASP B 235 0.57 -5.17 0.81
C ASP B 235 -0.55 -4.93 1.82
N PRO B 236 -0.26 -4.61 3.12
CA PRO B 236 -1.32 -4.32 4.10
C PRO B 236 -1.89 -2.90 3.97
N VAL B 237 -3.18 -2.73 4.33
CA VAL B 237 -3.74 -1.41 4.59
C VAL B 237 -3.31 -1.00 6.00
N LEU B 238 -3.48 0.29 6.40
CA LEU B 238 -2.94 0.76 7.69
C LEU B 238 -4.04 1.17 8.66
N ILE B 239 -3.84 0.78 9.95
CA ILE B 239 -4.74 1.16 11.04
C ILE B 239 -3.91 1.63 12.22
N THR B 240 -4.59 2.16 13.25
CA THR B 240 -3.89 2.59 14.43
C THR B 240 -4.15 1.60 15.57
N ARG B 241 -3.35 1.70 16.62
CA ARG B 241 -3.52 0.87 17.80
C ARG B 241 -4.89 1.08 18.44
N GLU B 242 -5.36 2.34 18.45
CA GLU B 242 -6.67 2.65 18.96
C GLU B 242 -7.72 1.90 18.15
N GLN B 243 -7.51 1.77 16.83
CA GLN B 243 -8.55 1.16 16.02
C GLN B 243 -8.63 -0.34 16.29
N ILE B 244 -7.48 -1.02 16.40
CA ILE B 244 -7.48 -2.47 16.62
C ILE B 244 -8.18 -2.74 17.97
N ASN B 245 -7.94 -1.84 18.96
CA ASN B 245 -8.53 -1.97 20.29
C ASN B 245 -10.05 -1.96 20.24
N LEU B 246 -10.66 -1.34 19.21
CA LEU B 246 -12.11 -1.28 19.17
C LEU B 246 -12.70 -2.67 18.94
N PHE B 247 -12.00 -3.51 18.15
CA PHE B 247 -12.44 -4.89 17.94
C PHE B 247 -12.35 -5.68 19.25
N ARG B 248 -11.26 -5.47 20.01
CA ARG B 248 -10.94 -6.24 21.22
C ARG B 248 -11.92 -6.02 22.37
N ASN B 249 -12.79 -5.02 22.28
CA ASN B 249 -13.77 -4.78 23.33
C ASN B 249 -15.01 -5.64 23.10
N LEU B 250 -15.11 -6.20 21.88
CA LEU B 250 -16.26 -7.05 21.63
C LEU B 250 -16.18 -8.28 22.55
N PRO B 251 -17.31 -8.77 23.08
CA PRO B 251 -17.28 -9.99 23.90
C PRO B 251 -17.43 -11.21 22.99
N TYR B 252 -16.77 -12.30 23.35
CA TYR B 252 -17.04 -13.59 22.73
C TYR B 252 -18.42 -14.13 23.12
N GLY B 253 -18.93 -15.07 22.30
CA GLY B 253 -20.12 -15.87 22.60
C GLY B 253 -19.86 -16.79 23.79
N SER B 254 -20.93 -17.33 24.40
CA SER B 254 -20.77 -18.02 25.68
C SER B 254 -20.15 -19.41 25.49
N ASN B 255 -20.09 -19.91 24.26
CA ASN B 255 -19.45 -21.19 24.07
C ASN B 255 -17.92 -21.07 24.05
N GLU B 256 -17.40 -19.84 24.16
CA GLU B 256 -15.96 -19.62 24.18
C GLU B 256 -15.47 -19.63 25.63
N LYS B 257 -14.20 -19.99 25.83
CA LYS B 257 -13.59 -19.88 27.14
C LYS B 257 -13.21 -18.42 27.45
N GLN B 258 -12.46 -17.75 26.57
CA GLN B 258 -11.99 -16.38 26.81
C GLN B 258 -13.19 -15.45 26.77
N THR B 259 -13.18 -14.38 27.58
CA THR B 259 -14.34 -13.48 27.59
C THR B 259 -14.31 -12.47 26.44
N ARG B 260 -13.16 -11.81 26.24
CA ARG B 260 -13.12 -10.81 25.18
C ARG B 260 -12.75 -11.46 23.84
N MET B 261 -13.42 -11.05 22.77
CA MET B 261 -13.18 -11.57 21.44
C MET B 261 -11.77 -11.20 20.96
N GLY B 262 -10.99 -12.25 20.68
CA GLY B 262 -9.64 -12.10 20.14
C GLY B 262 -9.04 -13.49 19.94
N ASP B 263 -8.00 -13.57 19.10
CA ASP B 263 -7.37 -14.82 18.69
C ASP B 263 -8.41 -15.71 17.99
N ASN B 264 -9.31 -15.05 17.24
CA ASN B 264 -10.33 -15.69 16.44
C ASN B 264 -9.78 -16.01 15.04
N PHE B 265 -8.77 -16.86 14.98
CA PHE B 265 -8.17 -17.29 13.72
C PHE B 265 -7.86 -18.78 13.82
N ARG B 266 -7.93 -19.47 12.68
CA ARG B 266 -7.65 -20.89 12.59
C ARG B 266 -6.14 -21.07 12.46
N PRO B 267 -5.57 -22.14 13.05
CA PRO B 267 -4.17 -22.51 12.83
C PRO B 267 -3.89 -22.74 11.35
N ILE B 268 -2.61 -22.55 10.98
CA ILE B 268 -2.13 -22.72 9.62
C ILE B 268 -2.32 -24.18 9.21
N GLN B 269 -2.73 -24.38 7.95
CA GLN B 269 -2.88 -25.67 7.29
C GLN B 269 -1.77 -25.83 6.27
N LEU B 270 -1.38 -27.08 5.91
CA LEU B 270 -0.42 -27.27 4.81
C LEU B 270 -1.05 -27.06 3.44
N LEU B 271 -0.27 -26.56 2.48
CA LEU B 271 -0.71 -26.51 1.10
C LEU B 271 -1.06 -27.92 0.60
N ASN B 272 -0.18 -28.90 0.89
CA ASN B 272 -0.43 -30.26 0.41
C ASN B 272 -0.18 -31.26 1.53
N PRO B 273 -1.17 -31.55 2.40
CA PRO B 273 -0.99 -32.64 3.36
C PRO B 273 -0.62 -33.93 2.62
N ILE B 274 -0.15 -34.91 3.41
CA ILE B 274 0.45 -36.14 2.86
C ILE B 274 -0.60 -37.00 2.14
N ASP B 275 -1.88 -36.85 2.47
CA ASP B 275 -2.90 -37.69 1.87
C ASP B 275 -3.54 -37.06 0.63
N THR B 276 -3.03 -35.94 0.11
CA THR B 276 -3.66 -35.32 -1.05
C THR B 276 -3.63 -36.27 -2.27
N LEU B 277 -4.66 -36.25 -3.11
CA LEU B 277 -4.69 -37.09 -4.30
C LEU B 277 -4.43 -36.25 -5.56
N ALA B 278 -4.26 -34.92 -5.39
CA ALA B 278 -3.89 -34.08 -6.52
C ALA B 278 -3.37 -32.76 -5.93
N SER B 279 -2.06 -32.53 -6.02
CA SER B 279 -1.49 -31.39 -5.33
C SER B 279 -2.06 -30.09 -5.87
N ARG B 280 -2.16 -29.07 -4.98
CA ARG B 280 -2.49 -27.73 -5.45
C ARG B 280 -1.23 -26.86 -5.46
N THR B 281 -1.30 -25.80 -6.27
CA THR B 281 -0.15 -24.92 -6.44
C THR B 281 -0.54 -23.55 -5.86
N LEU B 282 0.39 -22.87 -5.19
CA LEU B 282 0.09 -21.50 -4.76
C LEU B 282 0.62 -20.59 -5.87
N TYR B 283 -0.21 -19.65 -6.36
CA TYR B 283 0.19 -18.75 -7.41
C TYR B 283 0.37 -17.34 -6.84
N ARG B 284 1.01 -16.48 -7.63
CA ARG B 284 1.15 -15.08 -7.22
C ARG B 284 1.01 -14.18 -8.44
N ALA B 285 0.61 -12.95 -8.21
CA ALA B 285 0.32 -12.04 -9.31
C ALA B 285 1.10 -10.76 -9.03
N THR B 286 1.44 -10.04 -10.10
CA THR B 286 2.01 -8.70 -9.98
C THR B 286 1.65 -7.88 -11.23
N ALA B 287 1.87 -6.56 -11.16
CA ALA B 287 1.36 -5.70 -12.21
C ALA B 287 2.18 -5.89 -13.48
N ARG B 288 1.45 -5.75 -14.62
CA ARG B 288 1.96 -5.54 -15.97
C ARG B 288 3.00 -4.43 -15.90
N GLY B 289 4.29 -4.82 -15.77
CA GLY B 289 5.46 -3.97 -15.60
C GLY B 289 6.76 -4.78 -15.50
N GLY B 290 7.82 -4.14 -14.94
CA GLY B 290 9.02 -4.85 -14.49
C GLY B 290 9.93 -5.27 -15.64
C1 NAG C . -14.93 5.41 16.06
C2 NAG C . -14.80 6.83 16.60
C3 NAG C . -14.48 6.82 18.06
C4 NAG C . -15.45 5.94 18.89
C5 NAG C . -15.56 4.52 18.27
C6 NAG C . -16.62 3.62 18.89
C7 NAG C . -14.07 8.39 14.87
C8 NAG C . -12.92 9.05 14.17
N2 NAG C . -13.77 7.53 15.85
O3 NAG C . -14.62 8.17 18.43
O4 NAG C . -14.92 5.79 20.22
O5 NAG C . -15.78 4.53 16.85
O6 NAG C . -16.42 2.27 18.43
O7 NAG C . -15.21 8.60 14.48
C1 NAG C . -15.66 6.47 21.27
C2 NAG C . -15.62 5.60 22.53
C3 NAG C . -16.30 6.28 23.73
C4 NAG C . -16.80 7.69 23.46
C5 NAG C . -15.86 8.53 22.58
C6 NAG C . -14.98 9.38 23.50
C7 NAG C . -15.11 3.25 22.63
C8 NAG C . -15.61 1.87 23.02
N2 NAG C . -16.02 4.20 22.37
O3 NAG C . -15.31 6.32 24.77
O4 NAG C . -18.07 7.64 22.79
O5 NAG C . -15.07 7.74 21.65
O6 NAG C . -14.43 10.46 22.73
O7 NAG C . -13.91 3.49 22.57
C1 NAG D . 19.04 -1.43 -23.55
C2 NAG D . 18.94 -0.25 -24.53
C3 NAG D . 19.87 -0.45 -25.73
C4 NAG D . 21.31 -0.83 -25.33
C5 NAG D . 21.19 -2.03 -24.40
C6 NAG D . 22.54 -2.59 -24.04
C7 NAG D . 16.92 1.22 -24.79
C8 NAG D . 17.72 2.32 -24.18
N2 NAG D . 17.54 0.00 -24.93
O3 NAG D . 19.94 0.82 -26.40
O4 NAG D . 22.19 -1.00 -26.49
O5 NAG D . 20.42 -1.67 -23.20
O6 NAG D . 22.95 -2.01 -22.80
O7 NAG D . 15.74 1.48 -25.14
ZN ZN E . 14.02 15.70 -4.40
C1 GOL F . 0.33 0.81 2.73
O1 GOL F . 0.29 2.17 2.31
C2 GOL F . 0.97 -0.13 1.73
O2 GOL F . 1.25 -1.36 2.43
C3 GOL F . 0.23 -0.39 0.41
O3 GOL F . -0.35 0.77 -0.20
C2 TKE G . 22.25 15.03 -14.97
C3 TKE G . 22.84 13.95 -15.61
C4 TKE G . 23.37 12.91 -14.88
C5 TKE G . 23.31 12.92 -13.50
C10 TKE G . 16.52 16.96 -9.68
C11 TKE G . 15.41 16.74 -8.87
C6 TKE G . 22.72 13.99 -12.85
C7 TKE G . 19.53 17.64 -10.47
N1 TKE G . 20.06 17.47 -11.79
O1 TKE G . 13.35 15.95 -6.99
S1 TKE G . 13.72 17.32 -6.81
O TKE G . 12.77 18.31 -7.12
N2 TKE G . 14.17 17.54 -5.30
C12 TKE G . 15.16 17.59 -7.79
C13 TKE G . 16.03 18.62 -7.48
C14 TKE G . 17.14 18.81 -8.29
C9 TKE G . 17.37 18.04 -9.43
C8 TKE G . 18.36 18.48 -10.48
C TKE G . 20.37 16.30 -12.31
S TKE G . 19.26 15.03 -12.28
N TKE G . 21.61 16.26 -12.87
C1 TKE G . 22.19 15.05 -13.58
I TKE G . 24.26 11.29 -15.85
C1 NAG H . -28.88 -2.49 -8.93
C2 NAG H . -29.23 -3.91 -9.39
C3 NAG H . -30.66 -3.97 -9.93
C4 NAG H . -31.63 -3.49 -8.85
C5 NAG H . -31.24 -2.04 -8.48
C6 NAG H . -32.22 -1.46 -7.45
C7 NAG H . -27.49 -5.51 -10.32
C8 NAG H . -27.64 -6.44 -9.15
N2 NAG H . -28.26 -4.39 -10.38
O3 NAG H . -30.89 -5.34 -10.17
O4 NAG H . -33.02 -3.74 -9.19
O5 NAG H . -29.86 -1.97 -7.97
O6 NAG H . -31.86 -2.00 -6.18
O7 NAG H . -26.67 -5.74 -11.21
C1 NAG I . -31.20 -7.16 13.82
C2 NAG I . -32.12 -8.29 13.32
C3 NAG I . -33.62 -7.95 13.49
C4 NAG I . -33.95 -7.46 14.91
C5 NAG I . -33.15 -6.14 15.10
C6 NAG I . -33.40 -5.32 16.39
C7 NAG I . -30.84 -9.22 11.41
C8 NAG I . -30.16 -8.58 10.20
N2 NAG I . -31.84 -8.48 11.91
O3 NAG I . -34.46 -9.05 13.11
O4 NAG I . -35.40 -7.38 15.08
O5 NAG I . -31.71 -6.40 14.95
O6 NAG I . -33.03 -6.01 17.61
O7 NAG I . -30.54 -10.32 11.91
ZN ZN J . -12.91 -15.28 7.55
C2 TKE K . -26.11 -16.34 4.76
C3 TKE K . -27.13 -15.67 4.10
C4 TKE K . -26.94 -15.24 2.81
C5 TKE K . -25.74 -15.46 2.16
C10 TKE K . -17.92 -17.63 5.11
C11 TKE K . -16.58 -17.27 5.00
C6 TKE K . -24.72 -16.13 2.82
C7 TKE K . -20.71 -18.81 5.06
N1 TKE K . -21.97 -18.20 5.44
O1 TKE K . -13.15 -18.41 5.36
S1 TKE K . -13.95 -17.35 5.82
O TKE K . -13.90 -16.11 5.11
N2 TKE K . -13.54 -17.09 7.35
C12 TKE K . -15.64 -17.89 5.82
C13 TKE K . -16.02 -18.90 6.70
C14 TKE K . -17.36 -19.28 6.77
C9 TKE K . -18.33 -18.64 6.00
C8 TKE K . -19.80 -18.95 6.24
C TKE K . -22.54 -17.17 4.81
S TKE K . -21.62 -16.05 3.98
N TKE K . -23.91 -17.12 4.83
C1 TKE K . -24.90 -16.57 4.12
I TKE K . -28.48 -14.23 1.81
C1 NAG L . 19.57 -5.89 4.50
C2 NAG L . 20.05 -7.29 4.24
C3 NAG L . 19.07 -8.14 5.02
C4 NAG L . 19.18 -7.94 6.52
C5 NAG L . 19.29 -6.49 7.01
C6 NAG L . 20.61 -6.49 7.83
C7 NAG L . 20.94 -7.56 1.98
C8 NAG L . 20.61 -7.85 0.55
N2 NAG L . 19.97 -7.72 2.85
O3 NAG L . 19.46 -9.46 4.72
O4 NAG L . 18.39 -8.88 7.28
O5 NAG L . 19.45 -5.52 5.92
O6 NAG L . 20.54 -6.22 9.24
O7 NAG L . 22.02 -7.16 2.32
#